data_5YUN
#
_entry.id   5YUN
#
_cell.length_a   60.110
_cell.length_b   60.110
_cell.length_c   130.868
_cell.angle_alpha   90.00
_cell.angle_beta   90.00
_cell.angle_gamma   120.00
#
_symmetry.space_group_name_H-M   'P 31'
#
loop_
_entity.id
_entity.type
_entity.pdbx_description
1 polymer 'Single-stranded DNA-binding protein'
2 non-polymer 3,5,7-TRIHYDROXY-2-(3,4,5-TRIHYDROXYPHENYL)-4H-CHROMEN-4-ONE
3 water water
#
_entity_poly.entity_id   1
_entity_poly.type   'polypeptide(L)'
_entity_poly.pdbx_seq_one_letter_code
;MARGVNKVILVGNVGGDPETRYMPNGNAVTNITLATSESWKDKQTGQQQERTEWHRVVFFGRLAEIAGEYLRKGSQVYVE
GSLRTRKWQGQDGQDRYTTEIVVDINGNMQLLGGRHHHHHH
;
_entity_poly.pdbx_strand_id   A,B,C,D
#
loop_
_chem_comp.id
_chem_comp.type
_chem_comp.name
_chem_comp.formula
MYC non-polymer 3,5,7-TRIHYDROXY-2-(3,4,5-TRIHYDROXYPHENYL)-4H-CHROMEN-4-ONE 'C15 H10 O8'
#
# COMPACT_ATOMS: atom_id res chain seq x y z
N GLY A 4 6.98 -5.97 -12.65
CA GLY A 4 6.31 -6.14 -11.32
C GLY A 4 5.73 -4.88 -10.65
N VAL A 5 5.58 -4.98 -9.35
CA VAL A 5 5.09 -3.88 -8.53
C VAL A 5 6.17 -3.57 -7.52
N ASN A 6 6.41 -2.30 -7.30
CA ASN A 6 7.52 -1.86 -6.47
C ASN A 6 7.06 -0.62 -5.76
N LYS A 7 6.59 -0.77 -4.53
CA LYS A 7 5.82 0.26 -3.89
C LYS A 7 6.22 0.39 -2.45
N VAL A 8 6.38 1.63 -2.00
CA VAL A 8 6.74 1.93 -0.65
C VAL A 8 5.86 3.01 -0.12
N ILE A 9 5.36 2.81 1.10
CA ILE A 9 4.55 3.80 1.76
C ILE A 9 5.13 4.06 3.13
N LEU A 10 5.34 5.33 3.44
CA LEU A 10 5.94 5.73 4.70
C LEU A 10 5.22 6.90 5.28
N VAL A 11 5.03 6.87 6.59
CA VAL A 11 4.65 8.03 7.38
C VAL A 11 5.67 8.22 8.51
N GLY A 12 6.24 9.40 8.58
CA GLY A 12 7.25 9.67 9.59
C GLY A 12 7.65 11.11 9.60
N ASN A 13 8.70 11.38 10.34
CA ASN A 13 9.16 12.72 10.57
C ASN A 13 10.45 12.99 9.85
N VAL A 14 10.50 14.15 9.21
CA VAL A 14 11.64 14.55 8.42
C VAL A 14 12.86 14.82 9.33
N GLY A 15 14.01 14.27 8.95
CA GLY A 15 15.21 14.39 9.80
C GLY A 15 15.95 15.71 9.88
N GLY A 16 16.03 16.45 8.77
CA GLY A 16 16.67 17.77 8.72
C GLY A 16 15.97 18.51 7.61
N ASP A 17 16.33 19.77 7.38
CA ASP A 17 15.69 20.56 6.32
C ASP A 17 15.96 19.94 4.98
N PRO A 18 14.98 20.03 4.08
CA PRO A 18 15.19 19.48 2.75
C PRO A 18 16.29 20.17 1.98
N GLU A 19 16.99 19.42 1.18
CA GLU A 19 18.00 19.93 0.33
C GLU A 19 17.48 19.80 -1.09
N THR A 20 17.20 20.92 -1.72
CA THR A 20 16.66 20.89 -3.08
C THR A 20 17.62 21.56 -4.03
N ARG A 21 17.75 21.00 -5.22
CA ARG A 21 18.60 21.54 -6.20
C ARG A 21 18.00 21.38 -7.58
N TYR A 22 18.55 22.15 -8.52
CA TYR A 22 17.98 22.24 -9.86
C TYR A 22 19.00 21.82 -10.87
N MET A 23 18.53 21.10 -11.85
CA MET A 23 19.38 20.71 -12.97
C MET A 23 19.39 21.88 -13.94
N PRO A 24 20.18 21.81 -15.04
CA PRO A 24 20.09 22.85 -16.08
C PRO A 24 18.68 23.15 -16.65
N ASN A 25 17.79 22.15 -16.54
CA ASN A 25 16.51 22.05 -17.31
C ASN A 25 15.33 22.97 -17.03
N GLY A 26 15.10 23.48 -15.82
CA GLY A 26 15.87 23.12 -14.65
C GLY A 26 15.45 21.76 -14.14
N ASN A 27 14.18 21.62 -13.81
CA ASN A 27 13.73 20.50 -12.98
C ASN A 27 14.39 20.31 -11.59
N ALA A 28 13.53 20.24 -10.59
CA ALA A 28 13.91 20.16 -9.20
C ALA A 28 14.09 18.69 -8.73
N VAL A 29 15.06 18.52 -7.84
CA VAL A 29 15.28 17.28 -7.10
C VAL A 29 15.51 17.63 -5.66
N THR A 30 14.66 17.14 -4.75
CA THR A 30 14.91 17.39 -3.34
C THR A 30 15.14 16.08 -2.55
N ASN A 31 15.96 16.20 -1.52
CA ASN A 31 16.39 15.07 -0.74
C ASN A 31 16.02 15.29 0.70
N ILE A 32 15.51 14.25 1.35
CA ILE A 32 15.34 14.28 2.78
C ILE A 32 15.71 12.93 3.34
N THR A 33 15.78 12.90 4.65
CA THR A 33 15.80 11.66 5.38
C THR A 33 14.50 11.64 6.14
N LEU A 34 13.97 10.45 6.38
CA LEU A 34 12.67 10.31 7.03
C LEU A 34 12.78 9.22 8.06
N ALA A 35 12.31 9.53 9.27
CA ALA A 35 12.35 8.62 10.39
C ALA A 35 11.01 7.98 10.64
N THR A 36 10.99 6.66 10.67
CA THR A 36 9.80 5.90 11.11
C THR A 36 10.18 5.08 12.34
N SER A 37 9.27 4.99 13.29
CA SER A 37 9.50 4.21 14.48
C SER A 37 8.42 3.18 14.72
N GLU A 38 8.88 2.04 15.22
CA GLU A 38 8.04 0.98 15.75
C GLU A 38 8.43 0.86 17.24
N SER A 39 7.46 1.03 18.12
CA SER A 39 7.71 1.03 19.57
C SER A 39 7.25 -0.28 20.24
N TRP A 40 8.16 -0.91 20.99
CA TRP A 40 7.90 -2.23 21.62
C TRP A 40 9.11 -2.66 22.47
N GLN A 48 13.69 -3.45 24.01
CA GLN A 48 13.90 -2.01 23.84
C GLN A 48 12.59 -1.24 24.11
N GLN A 49 12.63 0.08 23.99
CA GLN A 49 11.41 0.92 24.11
C GLN A 49 10.95 1.53 22.77
N GLU A 50 11.86 1.57 21.79
CA GLU A 50 11.59 1.97 20.41
C GLU A 50 12.81 1.70 19.47
N ARG A 51 12.53 1.36 18.21
CA ARG A 51 13.56 1.31 17.17
C ARG A 51 13.11 2.28 16.09
N THR A 52 13.99 3.18 15.70
CA THR A 52 13.67 4.14 14.67
C THR A 52 14.46 3.78 13.42
N GLU A 53 13.84 3.97 12.25
CA GLU A 53 14.43 3.59 10.98
C GLU A 53 14.57 4.84 10.11
N TRP A 54 15.75 5.04 9.53
CA TRP A 54 16.01 6.21 8.72
C TRP A 54 16.00 5.84 7.22
N HIS A 55 15.22 6.61 6.48
CA HIS A 55 14.98 6.38 5.09
C HIS A 55 15.54 7.56 4.30
N ARG A 56 16.21 7.25 3.19
CA ARG A 56 16.60 8.27 2.27
C ARG A 56 15.53 8.40 1.19
N VAL A 57 14.80 9.49 1.28
CA VAL A 57 13.77 9.78 0.28
C VAL A 57 14.24 10.87 -0.67
N VAL A 58 14.00 10.64 -1.95
CA VAL A 58 14.31 11.63 -2.96
C VAL A 58 13.09 11.90 -3.87
N PHE A 59 12.73 13.18 -4.02
CA PHE A 59 11.62 13.62 -4.85
C PHE A 59 12.07 14.19 -6.18
N PHE A 60 11.27 13.98 -7.22
CA PHE A 60 11.50 14.55 -8.55
C PHE A 60 10.22 15.24 -9.04
N GLY A 61 10.39 16.29 -9.84
CA GLY A 61 9.27 16.93 -10.53
C GLY A 61 8.50 17.80 -9.57
N ARG A 62 7.21 17.92 -9.84
CA ARG A 62 6.37 18.83 -9.05
C ARG A 62 6.54 18.56 -7.55
N LEU A 63 6.52 17.29 -7.16
CA LEU A 63 6.63 16.92 -5.76
C LEU A 63 7.94 17.40 -5.13
N ALA A 64 9.00 17.49 -5.94
CA ALA A 64 10.28 18.02 -5.48
C ALA A 64 10.15 19.46 -5.09
N GLU A 65 9.53 20.29 -5.92
CA GLU A 65 9.24 21.68 -5.53
C GLU A 65 8.36 21.75 -4.31
N ILE A 66 7.30 20.95 -4.30
CA ILE A 66 6.39 20.99 -3.14
C ILE A 66 7.10 20.54 -1.86
N ALA A 67 7.89 19.47 -1.96
CA ALA A 67 8.63 19.00 -0.81
C ALA A 67 9.61 20.09 -0.33
N GLY A 68 10.37 20.64 -1.27
CA GLY A 68 11.39 21.65 -0.94
C GLY A 68 10.78 22.82 -0.24
N GLU A 69 9.58 23.19 -0.68
CA GLU A 69 8.95 24.35 -0.13
C GLU A 69 8.37 24.11 1.24
N TYR A 70 7.71 22.98 1.40
CA TYR A 70 6.83 22.77 2.54
C TYR A 70 7.39 21.90 3.65
N LEU A 71 8.38 21.07 3.36
CA LEU A 71 8.89 20.21 4.41
C LEU A 71 9.99 20.91 5.20
N ARG A 72 10.00 20.66 6.51
CA ARG A 72 11.04 21.17 7.38
C ARG A 72 11.43 20.09 8.34
N LYS A 73 12.59 20.27 8.99
CA LYS A 73 12.99 19.38 10.06
C LYS A 73 11.81 19.23 11.00
N GLY A 74 11.48 17.99 11.33
CA GLY A 74 10.36 17.71 12.25
C GLY A 74 9.00 17.57 11.61
N SER A 75 8.85 17.96 10.35
CA SER A 75 7.58 17.82 9.69
C SER A 75 7.17 16.36 9.64
N GLN A 76 5.89 16.11 9.79
CA GLN A 76 5.33 14.78 9.60
C GLN A 76 4.78 14.70 8.20
N VAL A 77 5.10 13.63 7.49
CA VAL A 77 4.69 13.57 6.09
C VAL A 77 4.38 12.15 5.72
N TYR A 78 3.47 12.01 4.75
CA TYR A 78 3.17 10.72 4.15
C TYR A 78 3.85 10.69 2.85
N VAL A 79 4.38 9.53 2.50
CA VAL A 79 5.15 9.41 1.27
C VAL A 79 4.90 8.08 0.63
N GLU A 80 4.76 8.11 -0.68
CA GLU A 80 4.57 6.90 -1.45
C GLU A 80 5.48 6.98 -2.64
N GLY A 81 6.34 5.99 -2.79
CA GLY A 81 7.28 5.94 -3.90
C GLY A 81 7.68 4.52 -4.23
N SER A 82 8.78 4.35 -4.94
CA SER A 82 9.31 3.04 -5.19
C SER A 82 10.82 2.96 -4.85
N LEU A 83 11.30 1.75 -4.64
CA LEU A 83 12.68 1.55 -4.16
C LEU A 83 13.65 1.52 -5.30
N ARG A 84 14.72 2.29 -5.17
CA ARG A 84 15.83 2.27 -6.10
C ARG A 84 17.12 2.15 -5.33
N THR A 85 17.97 1.23 -5.74
CA THR A 85 19.18 0.97 -5.03
C THR A 85 20.29 1.35 -6.01
N ARG A 86 21.13 2.28 -5.59
CA ARG A 86 22.23 2.78 -6.40
C ARG A 86 23.54 2.11 -5.95
N LYS A 87 24.30 1.60 -6.92
CA LYS A 87 25.65 1.08 -6.66
C LYS A 87 26.72 2.15 -6.87
N TRP A 88 27.74 2.15 -6.02
CA TRP A 88 28.89 3.05 -6.20
C TRP A 88 30.16 2.48 -5.60
N GLN A 89 31.30 2.85 -6.15
CA GLN A 89 32.57 2.46 -5.60
C GLN A 89 32.98 3.51 -4.62
N GLY A 90 33.29 3.09 -3.41
CA GLY A 90 33.75 4.03 -2.36
C GLY A 90 35.24 4.31 -2.53
N GLN A 91 35.73 5.31 -1.80
CA GLN A 91 37.13 5.73 -1.92
C GLN A 91 38.12 4.72 -1.42
N ASP A 92 37.69 3.52 -1.02
CA ASP A 92 38.60 2.39 -0.79
C ASP A 92 38.58 1.44 -2.00
N GLY A 93 38.00 1.90 -3.10
CA GLY A 93 37.69 1.04 -4.25
C GLY A 93 36.57 0.02 -4.09
N GLN A 94 36.07 -0.18 -2.85
CA GLN A 94 34.92 -1.07 -2.59
C GLN A 94 33.57 -0.63 -3.10
N ASP A 95 32.80 -1.64 -3.51
CA ASP A 95 31.39 -1.52 -3.91
C ASP A 95 30.54 -1.15 -2.71
N ARG A 96 29.76 -0.09 -2.82
CA ARG A 96 28.75 0.25 -1.85
C ARG A 96 27.38 0.43 -2.50
N TYR A 97 26.33 0.31 -1.70
CA TYR A 97 24.98 0.42 -2.24
C TYR A 97 24.18 1.34 -1.35
N THR A 98 23.36 2.18 -1.98
CA THR A 98 22.43 3.04 -1.28
C THR A 98 21.02 2.85 -1.87
N THR A 99 20.11 2.39 -1.02
CA THR A 99 18.74 2.16 -1.41
C THR A 99 17.97 3.38 -1.02
N GLU A 100 17.28 3.97 -1.98
CA GLU A 100 16.42 5.16 -1.72
C GLU A 100 14.97 4.90 -2.09
N ILE A 101 14.09 5.73 -1.54
CA ILE A 101 12.70 5.77 -1.92
C ILE A 101 12.54 6.92 -2.90
N VAL A 102 12.26 6.56 -4.14
CA VAL A 102 12.06 7.53 -5.17
C VAL A 102 10.60 7.93 -5.22
N VAL A 103 10.31 9.21 -5.03
CA VAL A 103 8.94 9.70 -5.17
C VAL A 103 8.86 10.67 -6.31
N ASP A 104 8.17 10.25 -7.36
CA ASP A 104 8.10 10.97 -8.60
C ASP A 104 6.63 11.00 -9.04
N ILE A 105 6.39 11.18 -10.34
CA ILE A 105 5.02 11.30 -10.90
C ILE A 105 4.16 10.10 -10.57
N ASN A 106 4.79 8.93 -10.37
CA ASN A 106 4.06 7.71 -10.04
C ASN A 106 3.82 7.54 -8.58
N GLY A 107 4.29 8.48 -7.78
CA GLY A 107 4.18 8.37 -6.34
C GLY A 107 3.34 9.51 -5.82
N ASN A 108 3.49 9.79 -4.53
CA ASN A 108 2.68 10.77 -3.90
C ASN A 108 3.33 11.22 -2.61
N MET A 109 2.94 12.41 -2.14
CA MET A 109 3.40 12.95 -0.86
C MET A 109 2.31 13.82 -0.26
N GLN A 110 2.22 13.87 1.07
CA GLN A 110 1.15 14.60 1.74
C GLN A 110 1.68 15.15 3.01
N LEU A 111 1.68 16.46 3.13
CA LEU A 111 2.09 17.08 4.37
C LEU A 111 1.00 16.79 5.39
N LEU A 112 1.40 16.39 6.58
CA LEU A 112 0.46 16.03 7.63
C LEU A 112 0.49 17.06 8.75
N GLY A 113 -0.57 17.08 9.56
CA GLY A 113 -0.69 18.04 10.66
C GLY A 113 -1.27 19.37 10.18
N GLY A 114 -1.43 20.31 11.11
CA GLY A 114 -1.76 21.71 10.76
C GLY A 114 -1.51 22.66 11.92
N GLY B 4 5.78 5.46 13.38
CA GLY B 4 5.26 5.68 12.00
C GLY B 4 4.77 4.47 11.22
N VAL B 5 4.70 4.63 9.91
CA VAL B 5 4.28 3.57 9.04
C VAL B 5 5.46 3.28 8.11
N ASN B 6 5.75 2.01 7.92
CA ASN B 6 6.89 1.60 7.18
C ASN B 6 6.50 0.37 6.42
N LYS B 7 6.09 0.54 5.18
CA LYS B 7 5.39 -0.52 4.46
C LYS B 7 5.92 -0.64 3.05
N VAL B 8 6.17 -1.87 2.61
CA VAL B 8 6.63 -2.13 1.27
C VAL B 8 5.80 -3.23 0.66
N ILE B 9 5.43 -3.04 -0.60
CA ILE B 9 4.70 -4.05 -1.35
C ILE B 9 5.39 -4.28 -2.66
N LEU B 10 5.67 -5.54 -2.95
CA LEU B 10 6.37 -5.90 -4.17
C LEU B 10 5.70 -7.07 -4.83
N VAL B 11 5.68 -7.05 -6.15
CA VAL B 11 5.40 -8.20 -6.96
C VAL B 11 6.54 -8.34 -7.98
N GLY B 12 7.14 -9.51 -8.04
CA GLY B 12 8.20 -9.74 -8.97
C GLY B 12 8.65 -11.20 -8.97
N ASN B 13 9.77 -11.44 -9.65
CA ASN B 13 10.26 -12.76 -9.87
C ASN B 13 11.50 -13.03 -9.04
N VAL B 14 11.52 -14.19 -8.41
CA VAL B 14 12.60 -14.58 -7.50
C VAL B 14 13.91 -14.82 -8.28
N GLY B 15 15.01 -14.23 -7.81
CA GLY B 15 16.28 -14.26 -8.57
C GLY B 15 17.08 -15.57 -8.60
N GLY B 16 17.07 -16.33 -7.50
CA GLY B 16 17.73 -17.63 -7.40
C GLY B 16 16.96 -18.41 -6.38
N ASP B 17 17.34 -19.66 -6.14
CA ASP B 17 16.63 -20.48 -5.16
C ASP B 17 16.76 -19.90 -3.77
N PRO B 18 15.70 -20.05 -2.97
CA PRO B 18 15.74 -19.48 -1.63
C PRO B 18 16.79 -20.16 -0.75
N GLU B 19 17.38 -19.37 0.12
CA GLU B 19 18.37 -19.83 1.05
C GLU B 19 17.70 -19.74 2.38
N THR B 20 17.44 -20.90 2.98
CA THR B 20 16.80 -20.92 4.27
C THR B 20 17.72 -21.56 5.29
N ARG B 21 17.73 -21.01 6.50
CA ARG B 21 18.59 -21.46 7.59
C ARG B 21 17.81 -21.35 8.92
N TYR B 22 18.28 -22.03 9.96
CA TYR B 22 17.56 -22.13 11.22
C TYR B 22 18.36 -21.57 12.35
N MET B 23 17.66 -21.03 13.33
CA MET B 23 18.31 -20.26 14.34
C MET B 23 18.49 -21.05 15.58
N PRO B 24 19.26 -20.41 16.55
CA PRO B 24 19.46 -21.20 17.76
C PRO B 24 18.23 -21.83 18.34
N ASN B 25 17.09 -21.15 18.29
CA ASN B 25 15.83 -21.81 18.61
C ASN B 25 15.61 -22.77 17.51
N GLY B 26 14.42 -22.75 16.92
CA GLY B 26 14.17 -23.60 15.80
C GLY B 26 13.73 -22.80 14.62
N ASN B 27 13.66 -21.50 14.77
CA ASN B 27 12.94 -20.70 13.82
C ASN B 27 13.64 -20.49 12.50
N ALA B 28 12.91 -20.63 11.41
CA ALA B 28 13.43 -20.48 10.05
C ALA B 28 13.58 -19.00 9.61
N VAL B 29 14.63 -18.75 8.83
CA VAL B 29 14.88 -17.47 8.17
C VAL B 29 15.24 -17.79 6.75
N THR B 30 14.47 -17.31 5.77
CA THR B 30 14.86 -17.52 4.40
C THR B 30 15.10 -16.21 3.64
N ASN B 31 15.98 -16.27 2.67
CA ASN B 31 16.46 -15.12 1.96
C ASN B 31 16.22 -15.30 0.51
N ILE B 32 15.78 -14.25 -0.15
CA ILE B 32 15.74 -14.25 -1.57
C ILE B 32 16.11 -12.89 -2.08
N THR B 33 16.32 -12.84 -3.37
CA THR B 33 16.38 -11.59 -4.08
C THR B 33 15.14 -11.59 -4.96
N LEU B 34 14.60 -10.40 -5.21
CA LEU B 34 13.37 -10.31 -5.98
C LEU B 34 13.51 -9.19 -6.99
N ALA B 35 13.16 -9.50 -8.23
CA ALA B 35 13.30 -8.58 -9.34
C ALA B 35 11.99 -7.97 -9.73
N THR B 36 11.95 -6.64 -9.75
CA THR B 36 10.81 -5.90 -10.28
C THR B 36 11.31 -5.09 -11.46
N SER B 37 10.55 -5.00 -12.55
CA SER B 37 10.99 -4.18 -13.70
C SER B 37 9.88 -3.29 -14.22
N GLU B 38 10.31 -2.11 -14.65
CA GLU B 38 9.49 -1.10 -15.29
C GLU B 38 10.09 -0.84 -16.66
N SER B 39 9.28 -0.97 -17.71
CA SER B 39 9.68 -0.57 -19.08
C SER B 39 9.06 0.78 -19.47
N TRP B 40 9.90 1.71 -19.94
CA TRP B 40 9.49 3.07 -20.28
C TRP B 40 9.45 3.33 -21.79
N GLN B 49 14.29 -0.52 -23.59
CA GLN B 49 13.27 0.22 -22.84
C GLN B 49 12.93 -0.52 -21.54
N GLU B 50 13.88 -0.60 -20.60
CA GLU B 50 13.66 -1.42 -19.41
C GLU B 50 14.70 -1.17 -18.31
N ARG B 51 14.23 -1.07 -17.05
CA ARG B 51 15.10 -1.08 -15.86
C ARG B 51 14.54 -2.08 -14.85
N THR B 52 15.38 -3.00 -14.39
CA THR B 52 14.97 -3.97 -13.41
C THR B 52 15.62 -3.61 -12.08
N GLU B 53 14.90 -3.85 -10.98
CA GLU B 53 15.36 -3.48 -9.65
C GLU B 53 15.43 -4.74 -8.78
N TRP B 54 16.55 -4.91 -8.07
CA TRP B 54 16.76 -6.10 -7.24
C TRP B 54 16.59 -5.77 -5.79
N HIS B 55 15.75 -6.54 -5.13
CA HIS B 55 15.39 -6.34 -3.75
C HIS B 55 15.88 -7.51 -2.93
N ARG B 56 16.42 -7.21 -1.76
CA ARG B 56 16.79 -8.26 -0.82
C ARG B 56 15.66 -8.45 0.16
N VAL B 57 14.95 -9.56 -0.03
CA VAL B 57 13.85 -9.88 0.86
C VAL B 57 14.25 -10.99 1.83
N VAL B 58 13.91 -10.80 3.10
CA VAL B 58 14.17 -11.80 4.11
C VAL B 58 12.90 -12.12 4.92
N PHE B 59 12.55 -13.40 5.01
CA PHE B 59 11.35 -13.88 5.70
C PHE B 59 11.68 -14.50 7.03
N PHE B 60 10.75 -14.36 7.98
CA PHE B 60 10.89 -14.95 9.30
C PHE B 60 9.63 -15.69 9.66
N GLY B 61 9.78 -16.76 10.45
CA GLY B 61 8.64 -17.46 11.04
C GLY B 61 7.96 -18.33 10.02
N ARG B 62 6.65 -18.50 10.17
CA ARG B 62 5.93 -19.41 9.29
C ARG B 62 6.24 -19.08 7.81
N LEU B 63 6.18 -17.79 7.45
CA LEU B 63 6.39 -17.37 6.07
C LEU B 63 7.76 -17.78 5.54
N ALA B 64 8.75 -17.82 6.44
CA ALA B 64 10.08 -18.34 6.09
C ALA B 64 10.01 -19.79 5.63
N GLU B 65 9.35 -20.65 6.41
CA GLU B 65 9.15 -22.05 5.96
C GLU B 65 8.37 -22.13 4.66
N ILE B 66 7.29 -21.37 4.55
CA ILE B 66 6.49 -21.41 3.34
C ILE B 66 7.32 -20.91 2.18
N ALA B 67 8.04 -19.80 2.36
CA ALA B 67 8.91 -19.27 1.30
C ALA B 67 9.96 -20.32 0.88
N GLY B 68 10.65 -20.85 1.88
CA GLY B 68 11.69 -21.86 1.64
C GLY B 68 11.19 -23.06 0.86
N GLU B 69 9.98 -23.50 1.19
CA GLU B 69 9.42 -24.68 0.59
C GLU B 69 8.93 -24.43 -0.82
N TYR B 70 8.27 -23.30 -1.03
CA TYR B 70 7.51 -23.09 -2.27
C TYR B 70 8.16 -22.20 -3.31
N LEU B 71 9.09 -21.35 -2.91
CA LEU B 71 9.64 -20.42 -3.89
C LEU B 71 10.84 -21.05 -4.58
N ARG B 72 10.97 -20.78 -5.87
CA ARG B 72 12.09 -21.23 -6.66
C ARG B 72 12.54 -20.12 -7.59
N LYS B 73 13.74 -20.25 -8.12
CA LYS B 73 14.22 -19.31 -9.12
C LYS B 73 13.13 -19.17 -10.19
N GLY B 74 12.79 -17.94 -10.51
CA GLY B 74 11.75 -17.66 -11.50
C GLY B 74 10.31 -17.58 -10.97
N SER B 75 10.08 -18.02 -9.75
CA SER B 75 8.75 -17.91 -9.17
C SER B 75 8.29 -16.47 -9.11
N GLN B 76 7.00 -16.25 -9.37
CA GLN B 76 6.38 -14.93 -9.23
C GLN B 76 5.71 -14.89 -7.89
N VAL B 77 5.92 -13.81 -7.15
CA VAL B 77 5.41 -13.78 -5.77
C VAL B 77 5.03 -12.36 -5.39
N TYR B 78 4.04 -12.27 -4.52
CA TYR B 78 3.65 -10.99 -3.94
C TYR B 78 4.21 -10.96 -2.55
N VAL B 79 4.69 -9.79 -2.14
CA VAL B 79 5.35 -9.68 -0.86
C VAL B 79 5.03 -8.35 -0.23
N GLU B 80 4.78 -8.38 1.07
CA GLU B 80 4.47 -7.19 1.82
C GLU B 80 5.25 -7.25 3.13
N GLY B 81 6.06 -6.22 3.37
CA GLY B 81 6.92 -6.20 4.55
C GLY B 81 7.26 -4.78 4.94
N SER B 82 8.28 -4.60 5.76
CA SER B 82 8.77 -3.30 6.06
C SER B 82 10.31 -3.21 5.84
N LEU B 83 10.81 -2.00 5.68
CA LEU B 83 12.24 -1.78 5.36
C LEU B 83 13.08 -1.73 6.59
N ARG B 84 14.15 -2.51 6.59
CA ARG B 84 15.13 -2.46 7.65
C ARG B 84 16.50 -2.37 7.00
N THR B 85 17.26 -1.36 7.41
CA THR B 85 18.63 -1.27 6.93
C THR B 85 19.58 -1.79 8.04
N ARG B 86 20.32 -2.82 7.72
CA ARG B 86 21.24 -3.47 8.67
C ARG B 86 22.63 -2.92 8.52
N LYS B 87 23.30 -2.65 9.64
CA LYS B 87 24.75 -2.42 9.62
C LYS B 87 25.50 -3.73 9.85
N TRP B 88 26.59 -3.94 9.14
CA TRP B 88 27.42 -5.12 9.34
C TRP B 88 28.86 -4.87 8.89
N GLN B 89 29.82 -5.58 9.51
CA GLN B 89 31.22 -5.48 9.10
C GLN B 89 31.53 -6.32 7.87
N GLY B 90 31.55 -7.65 8.02
CA GLY B 90 31.93 -8.53 6.90
C GLY B 90 33.27 -8.19 6.26
N GLN B 91 34.34 -8.91 6.60
CA GLN B 91 35.70 -8.73 6.02
C GLN B 91 36.48 -7.49 6.53
N ASP B 92 35.80 -6.57 7.19
CA ASP B 92 36.38 -5.28 7.57
C ASP B 92 37.89 -5.25 7.34
N GLY B 93 38.33 -4.77 6.17
CA GLY B 93 37.44 -4.39 5.08
C GLY B 93 36.76 -3.08 5.44
N GLN B 94 35.49 -3.16 5.84
CA GLN B 94 34.85 -2.03 6.50
C GLN B 94 33.43 -2.33 7.09
N ASP B 95 32.81 -1.35 7.75
CA ASP B 95 31.40 -1.49 8.05
C ASP B 95 30.54 -1.21 6.78
N ARG B 96 29.52 -2.01 6.57
CA ARG B 96 28.61 -1.88 5.43
C ARG B 96 27.17 -1.78 5.86
N TYR B 97 26.30 -1.30 4.97
CA TYR B 97 24.88 -1.16 5.29
C TYR B 97 24.09 -1.81 4.19
N THR B 98 23.03 -2.51 4.56
CA THR B 98 22.16 -3.19 3.59
C THR B 98 20.71 -3.01 3.97
N THR B 99 19.90 -2.48 3.04
CA THR B 99 18.48 -2.26 3.26
C THR B 99 17.73 -3.45 2.72
N GLU B 100 16.95 -4.08 3.59
CA GLU B 100 16.20 -5.27 3.24
C GLU B 100 14.72 -5.06 3.51
N ILE B 101 13.92 -5.88 2.84
CA ILE B 101 12.49 -5.94 3.07
C ILE B 101 12.26 -7.12 4.01
N VAL B 102 11.89 -6.80 5.23
CA VAL B 102 11.62 -7.80 6.23
C VAL B 102 10.15 -8.21 6.17
N VAL B 103 9.91 -9.51 5.90
CA VAL B 103 8.54 -9.99 5.90
C VAL B 103 8.42 -11.00 7.01
N ASP B 104 7.65 -10.62 8.01
CA ASP B 104 7.45 -11.40 9.19
C ASP B 104 5.95 -11.44 9.50
N ILE B 105 5.61 -11.71 10.77
CA ILE B 105 4.22 -11.86 11.20
C ILE B 105 3.36 -10.63 10.82
N ASN B 106 3.99 -9.46 10.72
CA ASN B 106 3.29 -8.21 10.39
C ASN B 106 3.22 -7.96 8.90
N GLY B 107 3.76 -8.88 8.10
CA GLY B 107 3.72 -8.73 6.66
C GLY B 107 2.95 -9.86 6.04
N ASN B 108 3.21 -10.14 4.77
CA ASN B 108 2.46 -11.13 4.06
C ASN B 108 3.21 -11.54 2.79
N MET B 109 2.88 -12.71 2.26
CA MET B 109 3.47 -13.23 1.03
C MET B 109 2.41 -14.06 0.34
N GLN B 110 2.43 -14.11 -0.98
CA GLN B 110 1.49 -14.90 -1.74
C GLN B 110 2.15 -15.45 -2.97
N LEU B 111 2.22 -16.77 -3.09
CA LEU B 111 2.74 -17.38 -4.30
C LEU B 111 1.73 -17.13 -5.42
N LEU B 112 2.23 -16.70 -6.57
CA LEU B 112 1.38 -16.34 -7.69
C LEU B 112 1.54 -17.34 -8.80
N GLY B 113 0.60 -17.33 -9.74
CA GLY B 113 0.59 -18.24 -10.87
C GLY B 113 -0.28 -19.44 -10.55
N GLY B 114 -0.90 -20.01 -11.58
CA GLY B 114 -1.90 -21.05 -11.42
C GLY B 114 -2.40 -21.57 -12.74
N ARG C 3 -5.88 -16.05 0.67
CA ARG C 3 -5.50 -16.45 -0.70
C ARG C 3 -5.61 -15.32 -1.77
N GLY C 4 -6.10 -14.14 -1.40
CA GLY C 4 -5.68 -12.92 -2.10
C GLY C 4 -5.15 -11.83 -1.17
N VAL C 5 -5.06 -10.64 -1.73
CA VAL C 5 -4.62 -9.47 -1.01
C VAL C 5 -5.76 -8.48 -1.12
N ASN C 6 -6.08 -7.88 0.01
CA ASN C 6 -7.20 -6.98 0.10
C ASN C 6 -6.80 -5.91 1.09
N LYS C 7 -6.32 -4.79 0.59
CA LYS C 7 -5.66 -3.80 1.41
C LYS C 7 -6.12 -2.41 1.04
N VAL C 8 -6.39 -1.61 2.05
CA VAL C 8 -6.82 -0.24 1.88
C VAL C 8 -6.03 0.67 2.80
N ILE C 9 -5.55 1.79 2.26
CA ILE C 9 -4.80 2.75 3.03
C ILE C 9 -5.43 4.11 2.79
N LEU C 10 -5.75 4.79 3.88
CA LEU C 10 -6.41 6.07 3.82
C LEU C 10 -5.75 7.01 4.80
N VAL C 11 -5.64 8.27 4.38
CA VAL C 11 -5.37 9.37 5.26
C VAL C 11 -6.45 10.41 5.01
N GLY C 12 -7.11 10.83 6.08
CA GLY C 12 -8.15 11.82 5.94
C GLY C 12 -8.66 12.29 7.28
N ASN C 13 -9.73 13.08 7.22
CA ASN C 13 -10.28 13.73 8.39
C ASN C 13 -11.60 13.10 8.80
N VAL C 14 -11.73 12.86 10.09
CA VAL C 14 -12.86 12.15 10.65
C VAL C 14 -14.13 13.00 10.57
N GLY C 15 -15.21 12.38 10.08
CA GLY C 15 -16.53 12.98 9.96
C GLY C 15 -17.28 12.44 11.18
N GLY C 16 -17.75 13.42 11.92
CA GLY C 16 -18.24 13.29 13.28
C GLY C 16 -17.51 12.47 14.35
N ASP C 17 -17.95 12.64 15.59
CA ASP C 17 -17.36 11.92 16.72
C ASP C 17 -17.53 10.42 16.54
N PRO C 18 -16.53 9.66 16.96
CA PRO C 18 -16.65 8.22 16.85
C PRO C 18 -17.80 7.66 17.67
N GLU C 19 -18.43 6.63 17.13
CA GLU C 19 -19.48 5.92 17.80
C GLU C 19 -18.87 4.61 18.18
N THR C 20 -18.68 4.39 19.47
CA THR C 20 -18.12 3.13 19.92
C THR C 20 -19.13 2.41 20.79
N ARG C 21 -19.18 1.09 20.64
CA ARG C 21 -20.09 0.30 21.39
C ARG C 21 -19.44 -1.02 21.70
N TYR C 22 -20.05 -1.74 22.61
CA TYR C 22 -19.48 -2.97 23.08
C TYR C 22 -20.46 -4.08 22.81
N MET C 23 -19.90 -5.18 22.35
CA MET C 23 -20.68 -6.35 22.09
C MET C 23 -20.76 -7.07 23.43
N PRO C 24 -21.48 -8.20 23.47
CA PRO C 24 -21.20 -9.18 24.49
C PRO C 24 -19.69 -9.47 24.44
N ASN C 25 -19.18 -10.35 25.28
CA ASN C 25 -17.76 -10.74 25.25
C ASN C 25 -16.81 -9.71 25.89
N GLY C 26 -17.26 -8.45 25.97
CA GLY C 26 -16.47 -7.33 26.47
C GLY C 26 -15.60 -6.65 25.41
N ASN C 27 -15.99 -6.70 24.13
CA ASN C 27 -15.17 -6.19 23.02
C ASN C 27 -15.73 -4.98 22.25
N ALA C 28 -14.84 -4.03 21.97
CA ALA C 28 -15.19 -2.76 21.39
C ALA C 28 -15.22 -2.76 19.87
N VAL C 29 -16.18 -2.01 19.34
CA VAL C 29 -16.31 -1.77 17.93
C VAL C 29 -16.59 -0.29 17.81
N THR C 30 -15.75 0.44 17.09
CA THR C 30 -16.08 1.83 16.85
C THR C 30 -16.21 2.13 15.35
N ASN C 31 -17.04 3.11 15.06
CA ASN C 31 -17.41 3.45 13.72
C ASN C 31 -17.10 4.89 13.48
N ILE C 32 -16.54 5.19 12.32
CA ILE C 32 -16.39 6.56 11.90
C ILE C 32 -16.64 6.64 10.42
N THR C 33 -16.76 7.87 9.96
CA THR C 33 -16.70 8.16 8.56
C THR C 33 -15.41 8.94 8.38
N LEU C 34 -14.79 8.80 7.22
CA LEU C 34 -13.52 9.43 6.98
C LEU C 34 -13.58 10.06 5.61
N ALA C 35 -13.16 11.34 5.57
CA ALA C 35 -13.15 12.11 4.33
C ALA C 35 -11.75 12.22 3.73
N THR C 36 -11.64 11.84 2.46
CA THR C 36 -10.43 12.06 1.70
C THR C 36 -10.77 12.97 0.54
N SER C 37 -9.93 13.95 0.25
CA SER C 37 -10.20 14.86 -0.90
C SER C 37 -8.99 15.02 -1.78
N GLU C 38 -9.27 15.06 -3.07
CA GLU C 38 -8.28 15.40 -4.09
C GLU C 38 -8.76 16.72 -4.67
N SER C 39 -7.88 17.71 -4.67
CA SER C 39 -8.24 19.07 -5.09
C SER C 39 -7.74 19.32 -6.52
N TRP C 40 -8.70 19.66 -7.39
CA TRP C 40 -8.59 19.49 -8.84
C TRP C 40 -7.64 18.37 -9.28
N GLU C 50 -12.38 20.51 -6.59
CA GLU C 50 -12.29 19.62 -5.44
C GLU C 50 -13.37 18.53 -5.46
N ARG C 51 -12.97 17.29 -5.13
CA ARG C 51 -13.91 16.20 -4.86
C ARG C 51 -13.49 15.52 -3.56
N THR C 52 -14.46 15.38 -2.64
CA THR C 52 -14.20 14.68 -1.39
C THR C 52 -14.94 13.34 -1.39
N GLU C 53 -14.31 12.33 -0.78
CA GLU C 53 -14.85 10.97 -0.76
C GLU C 53 -15.06 10.54 0.67
N TRP C 54 -16.23 9.98 0.95
CA TRP C 54 -16.55 9.54 2.30
C TRP C 54 -16.44 8.02 2.43
N HIS C 55 -15.74 7.60 3.47
CA HIS C 55 -15.47 6.23 3.73
C HIS C 55 -16.08 5.82 5.06
N ARG C 56 -16.66 4.63 5.08
CA ARG C 56 -17.13 4.08 6.32
C ARG C 56 -16.05 3.18 6.87
N VAL C 57 -15.40 3.64 7.93
CA VAL C 57 -14.39 2.84 8.58
C VAL C 57 -14.90 2.27 9.90
N VAL C 58 -14.62 0.99 10.11
CA VAL C 58 -15.01 0.33 11.35
C VAL C 58 -13.83 -0.40 11.98
N PHE C 59 -13.58 -0.12 13.26
CA PHE C 59 -12.45 -0.71 14.00
C PHE C 59 -12.92 -1.78 14.96
N PHE C 60 -12.07 -2.78 15.18
CA PHE C 60 -12.32 -3.87 16.12
C PHE C 60 -11.11 -4.08 17.01
N GLY C 61 -11.37 -4.50 18.25
CA GLY C 61 -10.30 -4.90 19.16
C GLY C 61 -9.62 -3.67 19.75
N ARG C 62 -8.34 -3.82 20.05
CA ARG C 62 -7.61 -2.74 20.70
C ARG C 62 -7.80 -1.43 19.93
N LEU C 63 -7.66 -1.48 18.61
CA LEU C 63 -7.73 -0.26 17.81
C LEU C 63 -9.06 0.42 17.98
N ALA C 64 -10.10 -0.38 18.22
CA ALA C 64 -11.43 0.19 18.48
C ALA C 64 -11.42 1.06 19.71
N GLU C 65 -10.85 0.56 20.79
CA GLU C 65 -10.72 1.37 22.00
C GLU C 65 -9.87 2.61 21.75
N ILE C 66 -8.74 2.42 21.09
CA ILE C 66 -7.87 3.54 20.82
C ILE C 66 -8.59 4.56 19.95
N ALA C 67 -9.27 4.09 18.90
CA ALA C 67 -10.02 4.99 18.02
C ALA C 67 -11.08 5.75 18.81
N GLY C 68 -11.88 5.01 19.58
CA GLY C 68 -12.96 5.59 20.36
C GLY C 68 -12.47 6.66 21.31
N GLU C 69 -11.31 6.40 21.91
CA GLU C 69 -10.77 7.31 22.91
C GLU C 69 -10.18 8.56 22.27
N TYR C 70 -9.44 8.40 21.17
CA TYR C 70 -8.60 9.46 20.68
C TYR C 70 -9.13 10.23 19.48
N LEU C 71 -10.03 9.64 18.71
CA LEU C 71 -10.46 10.33 17.49
C LEU C 71 -11.63 11.24 17.80
N ARG C 72 -11.65 12.38 17.16
CA ARG C 72 -12.75 13.33 17.28
C ARG C 72 -13.09 13.87 15.91
N LYS C 73 -14.28 14.47 15.79
CA LYS C 73 -14.63 15.19 14.57
C LYS C 73 -13.47 16.10 14.20
N GLY C 74 -13.04 16.01 12.94
CA GLY C 74 -11.93 16.84 12.44
C GLY C 74 -10.53 16.24 12.61
N SER C 75 -10.40 15.19 13.41
CA SER C 75 -9.09 14.55 13.60
C SER C 75 -8.57 14.03 12.28
N GLN C 76 -7.27 14.15 12.08
CA GLN C 76 -6.61 13.59 10.91
C GLN C 76 -6.02 12.26 11.34
N VAL C 77 -6.22 11.23 10.52
CA VAL C 77 -5.80 9.91 10.92
C VAL C 77 -5.37 9.09 9.70
N TYR C 78 -4.43 8.19 9.92
CA TYR C 78 -3.99 7.24 8.92
C TYR C 78 -4.60 5.91 9.27
N VAL C 79 -5.04 5.19 8.26
CA VAL C 79 -5.79 4.00 8.48
C VAL C 79 -5.45 2.99 7.42
N GLU C 80 -5.26 1.74 7.87
CA GLU C 80 -4.94 0.67 7.00
C GLU C 80 -5.83 -0.49 7.39
N GLY C 81 -6.59 -1.02 6.43
CA GLY C 81 -7.52 -2.09 6.70
C GLY C 81 -7.82 -2.87 5.45
N SER C 82 -8.88 -3.63 5.45
CA SER C 82 -9.34 -4.30 4.24
C SER C 82 -10.82 -4.05 3.97
N LEU C 83 -11.22 -4.28 2.73
CA LEU C 83 -12.61 -3.95 2.33
C LEU C 83 -13.56 -5.09 2.60
N ARG C 84 -14.67 -4.78 3.22
CA ARG C 84 -15.75 -5.76 3.39
C ARG C 84 -17.06 -5.11 2.97
N THR C 85 -17.76 -5.72 2.03
CA THR C 85 -19.10 -5.23 1.69
C THR C 85 -20.14 -6.13 2.34
N ARG C 86 -21.06 -5.50 3.06
CA ARG C 86 -22.13 -6.19 3.78
C ARG C 86 -23.43 -6.04 3.00
N LYS C 87 -24.12 -7.15 2.80
CA LYS C 87 -25.43 -7.15 2.13
C LYS C 87 -26.55 -7.08 3.14
N TRP C 88 -27.60 -6.33 2.83
CA TRP C 88 -28.78 -6.27 3.70
C TRP C 88 -30.05 -5.94 2.92
N GLN C 89 -31.20 -6.40 3.41
CA GLN C 89 -32.50 -6.08 2.82
C GLN C 89 -32.98 -4.83 3.48
N GLY C 90 -33.31 -3.82 2.68
CA GLY C 90 -33.88 -2.59 3.21
C GLY C 90 -35.32 -2.85 3.57
N GLN C 91 -35.95 -1.91 4.26
CA GLN C 91 -37.36 -2.13 4.64
C GLN C 91 -38.27 -2.41 3.41
N ASP C 92 -38.24 -1.54 2.41
CA ASP C 92 -38.84 -1.93 1.13
C ASP C 92 -38.16 -3.26 0.87
N GLY C 93 -38.72 -4.15 0.06
CA GLY C 93 -38.11 -5.49 -0.10
C GLY C 93 -36.62 -5.62 -0.46
N GLN C 94 -36.02 -4.48 -0.86
CA GLN C 94 -34.76 -4.50 -1.64
C GLN C 94 -33.43 -4.79 -0.97
N ASP C 95 -32.59 -5.47 -1.76
CA ASP C 95 -31.18 -5.74 -1.46
C ASP C 95 -30.39 -4.44 -1.48
N ARG C 96 -29.65 -4.17 -0.41
CA ARG C 96 -28.70 -3.08 -0.39
C ARG C 96 -27.31 -3.57 0.00
N TYR C 97 -26.30 -2.80 -0.33
CA TYR C 97 -24.93 -3.16 0.01
C TYR C 97 -24.22 -1.98 0.63
N THR C 98 -23.39 -2.25 1.63
CA THR C 98 -22.53 -1.26 2.22
C THR C 98 -21.10 -1.81 2.28
N THR C 99 -20.20 -1.12 1.60
CA THR C 99 -18.79 -1.47 1.62
C THR C 99 -18.12 -0.66 2.69
N GLU C 100 -17.41 -1.35 3.61
CA GLU C 100 -16.66 -0.71 4.69
C GLU C 100 -15.19 -1.09 4.69
N ILE C 101 -14.39 -0.26 5.37
CA ILE C 101 -12.98 -0.51 5.59
C ILE C 101 -12.85 -1.04 6.99
N VAL C 102 -12.51 -2.31 7.06
CA VAL C 102 -12.38 -2.96 8.33
C VAL C 102 -10.95 -2.83 8.82
N VAL C 103 -10.78 -2.23 9.98
CA VAL C 103 -9.45 -2.17 10.56
C VAL C 103 -9.45 -2.93 11.86
N ASP C 104 -8.72 -4.03 11.85
CA ASP C 104 -8.64 -4.95 12.98
C ASP C 104 -7.15 -5.30 13.22
N ILE C 105 -6.89 -6.43 13.86
CA ILE C 105 -5.52 -6.87 14.20
C ILE C 105 -4.60 -6.94 12.97
N ASN C 106 -5.17 -7.16 11.81
CA ASN C 106 -4.40 -7.24 10.56
C ASN C 106 -4.18 -5.89 9.89
N GLY C 107 -4.71 -4.84 10.50
CA GLY C 107 -4.60 -3.51 9.96
C GLY C 107 -3.86 -2.63 10.93
N ASN C 108 -4.07 -1.32 10.81
CA ASN C 108 -3.34 -0.35 11.58
C ASN C 108 -4.04 1.01 11.56
N MET C 109 -3.76 1.84 12.54
CA MET C 109 -4.29 3.19 12.62
C MET C 109 -3.26 4.05 13.28
N GLN C 110 -3.18 5.32 12.91
CA GLN C 110 -2.22 6.25 13.49
C GLN C 110 -2.82 7.62 13.59
N LEU C 111 -2.92 8.15 14.80
CA LEU C 111 -3.42 9.51 14.97
C LEU C 111 -2.33 10.44 14.46
N LEU C 112 -2.73 11.43 13.67
CA LEU C 112 -1.79 12.35 13.05
C LEU C 112 -1.91 13.72 13.71
N GLY C 113 -0.85 14.52 13.58
CA GLY C 113 -0.70 15.80 14.29
C GLY C 113 0.05 15.71 15.64
N ALA D 2 -6.59 18.54 5.11
CA ALA D 2 -7.00 19.34 3.93
C ALA D 2 -7.35 18.41 2.76
N ARG D 3 -6.38 17.67 2.25
CA ARG D 3 -6.64 16.61 1.26
C ARG D 3 -5.97 15.33 1.73
N GLY D 4 -6.26 14.18 1.11
CA GLY D 4 -5.81 12.90 1.67
C GLY D 4 -5.21 11.84 0.76
N VAL D 5 -5.18 10.61 1.28
CA VAL D 5 -4.69 9.45 0.55
C VAL D 5 -5.84 8.46 0.50
N ASN D 6 -6.04 7.86 -0.65
CA ASN D 6 -7.14 6.98 -0.89
C ASN D 6 -6.66 5.91 -1.81
N LYS D 7 -6.23 4.79 -1.24
CA LYS D 7 -5.46 3.80 -1.99
C LYS D 7 -5.93 2.40 -1.68
N VAL D 8 -6.07 1.59 -2.72
CA VAL D 8 -6.53 0.24 -2.58
C VAL D 8 -5.60 -0.65 -3.39
N ILE D 9 -5.18 -1.77 -2.80
CA ILE D 9 -4.38 -2.76 -3.48
C ILE D 9 -5.03 -4.12 -3.33
N LEU D 10 -5.22 -4.80 -4.45
CA LEU D 10 -5.88 -6.08 -4.45
C LEU D 10 -5.14 -7.04 -5.33
N VAL D 11 -5.06 -8.30 -4.88
CA VAL D 11 -4.69 -9.42 -5.71
C VAL D 11 -5.78 -10.49 -5.59
N GLY D 12 -6.31 -10.92 -6.72
CA GLY D 12 -7.37 -11.90 -6.71
C GLY D 12 -7.72 -12.36 -8.08
N ASN D 13 -8.81 -13.10 -8.14
CA ASN D 13 -9.20 -13.77 -9.36
C ASN D 13 -10.42 -13.09 -9.93
N VAL D 14 -10.40 -12.88 -11.24
CA VAL D 14 -11.48 -12.20 -11.96
C VAL D 14 -12.76 -13.07 -12.01
N GLY D 15 -13.90 -12.49 -11.66
CA GLY D 15 -15.14 -13.28 -11.52
C GLY D 15 -15.86 -13.76 -12.77
N GLY D 16 -15.85 -12.96 -13.83
CA GLY D 16 -16.43 -13.31 -15.12
C GLY D 16 -15.63 -12.54 -16.14
N ASP D 17 -15.94 -12.72 -17.41
CA ASP D 17 -15.22 -12.00 -18.46
C ASP D 17 -15.41 -10.52 -18.34
N PRO D 18 -14.36 -9.76 -18.68
CA PRO D 18 -14.50 -8.33 -18.57
C PRO D 18 -15.54 -7.77 -19.52
N GLU D 19 -16.23 -6.74 -19.07
CA GLU D 19 -17.20 -6.04 -19.86
C GLU D 19 -16.58 -4.70 -20.16
N THR D 20 -16.23 -4.49 -21.41
CA THR D 20 -15.63 -3.23 -21.79
C THR D 20 -16.54 -2.49 -22.74
N ARG D 21 -16.61 -1.18 -22.57
CA ARG D 21 -17.44 -0.36 -23.38
C ARG D 21 -16.78 0.98 -23.59
N TYR D 22 -17.31 1.76 -24.52
CA TYR D 22 -16.68 3.01 -24.87
C TYR D 22 -17.65 4.12 -24.63
N MET D 23 -17.14 5.23 -24.13
CA MET D 23 -17.93 6.42 -23.97
C MET D 23 -17.98 7.11 -25.34
N PRO D 24 -18.76 8.19 -25.49
CA PRO D 24 -18.72 8.96 -26.74
C PRO D 24 -17.32 9.43 -27.19
N ASN D 25 -16.40 9.54 -26.23
CA ASN D 25 -15.17 10.33 -26.31
C ASN D 25 -14.03 9.92 -27.27
N GLY D 26 -13.88 8.67 -27.71
CA GLY D 26 -14.54 7.48 -27.17
C GLY D 26 -13.56 6.65 -26.34
N ASN D 27 -13.44 6.96 -25.03
CA ASN D 27 -12.45 6.32 -24.11
C ASN D 27 -13.00 5.04 -23.52
N ALA D 28 -12.14 4.04 -23.34
CA ALA D 28 -12.55 2.70 -22.88
C ALA D 28 -12.74 2.66 -21.38
N VAL D 29 -13.77 1.92 -20.96
CA VAL D 29 -14.06 1.67 -19.58
C VAL D 29 -14.35 0.19 -19.48
N THR D 30 -13.58 -0.55 -18.70
CA THR D 30 -13.93 -1.95 -18.50
C THR D 30 -14.24 -2.23 -17.04
N ASN D 31 -15.12 -3.20 -16.85
CA ASN D 31 -15.64 -3.54 -15.54
C ASN D 31 -15.34 -5.00 -15.29
N ILE D 32 -14.88 -5.29 -14.09
CA ILE D 32 -14.78 -6.65 -13.65
C ILE D 32 -15.19 -6.72 -12.19
N THR D 33 -15.37 -7.94 -11.75
CA THR D 33 -15.51 -8.23 -10.35
C THR D 33 -14.28 -9.02 -10.02
N LEU D 34 -13.81 -8.88 -8.79
CA LEU D 34 -12.56 -9.48 -8.40
C LEU D 34 -12.77 -10.08 -7.05
N ALA D 35 -12.37 -11.35 -6.94
CA ALA D 35 -12.52 -12.12 -5.71
C ALA D 35 -11.22 -12.23 -4.95
N THR D 36 -11.26 -11.85 -3.69
CA THR D 36 -10.13 -12.07 -2.76
C THR D 36 -10.64 -12.94 -1.64
N SER D 37 -9.84 -13.87 -1.15
CA SER D 37 -10.26 -14.67 0.01
C SER D 37 -9.21 -14.67 1.12
N GLU D 38 -9.72 -14.58 2.33
CA GLU D 38 -8.96 -14.62 3.56
C GLU D 38 -9.43 -15.86 4.35
N SER D 39 -8.51 -16.75 4.72
CA SER D 39 -8.83 -17.92 5.56
C SER D 39 -8.38 -17.73 7.01
N TRP D 40 -9.24 -18.13 7.95
CA TRP D 40 -8.84 -18.39 9.34
C TRP D 40 -8.70 -19.90 9.64
N GLU D 50 -12.55 -19.78 5.76
CA GLU D 50 -12.55 -19.17 4.43
C GLU D 50 -13.74 -18.20 4.32
N ARG D 51 -13.46 -16.95 3.93
CA ARG D 51 -14.45 -15.99 3.42
C ARG D 51 -13.89 -15.34 2.15
N THR D 52 -14.70 -15.30 1.09
CA THR D 52 -14.28 -14.64 -0.15
C THR D 52 -15.03 -13.31 -0.31
N GLU D 53 -14.33 -12.28 -0.81
CA GLU D 53 -14.85 -10.93 -0.90
C GLU D 53 -14.86 -10.48 -2.34
N TRP D 54 -15.99 -9.93 -2.78
CA TRP D 54 -16.15 -9.53 -4.17
C TRP D 54 -16.03 -8.02 -4.33
N HIS D 55 -15.16 -7.62 -5.24
CA HIS D 55 -14.84 -6.24 -5.45
C HIS D 55 -15.28 -5.82 -6.83
N ARG D 56 -15.82 -4.62 -6.92
CA ARG D 56 -16.20 -4.08 -8.19
C ARG D 56 -15.09 -3.18 -8.66
N VAL D 57 -14.31 -3.66 -9.59
CA VAL D 57 -13.23 -2.89 -10.13
C VAL D 57 -13.61 -2.33 -11.48
N VAL D 58 -13.32 -1.04 -11.66
CA VAL D 58 -13.54 -0.38 -12.94
C VAL D 58 -12.25 0.31 -13.44
N PHE D 59 -11.83 -0.01 -14.66
CA PHE D 59 -10.65 0.58 -15.28
C PHE D 59 -10.99 1.64 -16.31
N PHE D 60 -10.12 2.64 -16.44
CA PHE D 60 -10.26 3.73 -17.42
C PHE D 60 -8.96 3.93 -18.16
N GLY D 61 -9.07 4.36 -19.41
CA GLY D 61 -7.92 4.75 -20.20
C GLY D 61 -7.17 3.54 -20.69
N ARG D 62 -5.86 3.69 -20.85
CA ARG D 62 -5.06 2.62 -21.39
C ARG D 62 -5.32 1.29 -20.63
N LEU D 63 -5.32 1.35 -19.31
CA LEU D 63 -5.51 0.14 -18.50
C LEU D 63 -6.85 -0.55 -18.80
N ALA D 64 -7.87 0.23 -19.17
CA ALA D 64 -9.14 -0.32 -19.58
C ALA D 64 -8.97 -1.19 -20.81
N GLU D 65 -8.30 -0.68 -21.83
CA GLU D 65 -8.03 -1.49 -23.04
C GLU D 65 -7.21 -2.73 -22.69
N ILE D 66 -6.18 -2.54 -21.88
CA ILE D 66 -5.33 -3.67 -21.50
C ILE D 66 -6.14 -4.70 -20.72
N ALA D 67 -6.93 -4.23 -19.75
CA ALA D 67 -7.79 -5.12 -18.98
C ALA D 67 -8.74 -5.88 -19.89
N GLY D 68 -9.45 -5.14 -20.75
CA GLY D 68 -10.43 -5.71 -21.66
C GLY D 68 -9.82 -6.78 -22.55
N GLU D 69 -8.61 -6.53 -22.99
CA GLU D 69 -7.95 -7.43 -23.90
C GLU D 69 -7.41 -8.68 -23.21
N TYR D 70 -6.82 -8.51 -22.03
CA TYR D 70 -6.04 -9.59 -21.41
C TYR D 70 -6.72 -10.35 -20.28
N LEU D 71 -7.72 -9.77 -19.63
CA LEU D 71 -8.29 -10.43 -18.47
C LEU D 71 -9.39 -11.36 -18.91
N ARG D 72 -9.49 -12.51 -18.26
CA ARG D 72 -10.57 -13.46 -18.50
C ARG D 72 -11.06 -14.00 -17.18
N LYS D 73 -12.25 -14.59 -17.20
CA LYS D 73 -12.76 -15.28 -16.03
C LYS D 73 -11.65 -16.20 -15.51
N GLY D 74 -11.37 -16.11 -14.22
CA GLY D 74 -10.34 -16.92 -13.59
C GLY D 74 -8.94 -16.32 -13.59
N SER D 75 -8.70 -15.28 -14.39
CA SER D 75 -7.39 -14.64 -14.41
C SER D 75 -7.03 -14.11 -13.04
N GLN D 76 -5.77 -14.24 -12.69
CA GLN D 76 -5.25 -13.69 -11.45
C GLN D 76 -4.61 -12.37 -11.78
N VAL D 77 -4.91 -11.34 -11.01
CA VAL D 77 -4.44 -10.01 -11.39
C VAL D 77 -4.17 -9.19 -10.14
N TYR D 78 -3.20 -8.28 -10.26
CA TYR D 78 -2.89 -7.30 -9.21
C TYR D 78 -3.47 -6.01 -9.65
N VAL D 79 -4.02 -5.28 -8.71
CA VAL D 79 -4.73 -4.06 -9.02
C VAL D 79 -4.54 -3.02 -7.92
N GLU D 80 -4.32 -1.78 -8.35
CA GLU D 80 -4.11 -0.70 -7.45
C GLU D 80 -4.92 0.46 -7.96
N GLY D 81 -5.77 1.00 -7.10
CA GLY D 81 -6.63 2.08 -7.49
C GLY D 81 -7.07 2.87 -6.28
N SER D 82 -8.14 3.65 -6.44
CA SER D 82 -8.74 4.31 -5.27
C SER D 82 -10.26 4.09 -5.18
N LEU D 83 -10.82 4.30 -4.01
CA LEU D 83 -12.23 4.00 -3.77
C LEU D 83 -13.11 5.13 -4.18
N ARG D 84 -14.14 4.84 -4.96
CA ARG D 84 -15.17 5.82 -5.27
C ARG D 84 -16.53 5.18 -5.03
N THR D 85 -17.37 5.83 -4.24
CA THR D 85 -18.74 5.34 -4.10
C THR D 85 -19.67 6.21 -4.97
N ARG D 86 -20.36 5.55 -5.90
CA ARG D 86 -21.26 6.21 -6.84
C ARG D 86 -22.66 6.18 -6.29
N LYS D 87 -23.34 7.33 -6.36
CA LYS D 87 -24.77 7.40 -6.02
C LYS D 87 -25.61 7.22 -7.29
N TRP D 88 -26.68 6.44 -7.19
CA TRP D 88 -27.51 6.12 -8.34
C TRP D 88 -28.98 5.82 -7.91
N GLN D 89 -29.90 5.92 -8.85
CA GLN D 89 -31.32 5.73 -8.60
C GLN D 89 -31.91 4.47 -9.23
N GLY D 90 -32.63 3.69 -8.43
CA GLY D 90 -33.42 2.57 -8.94
C GLY D 90 -34.74 3.07 -9.53
N GLN D 91 -35.38 2.23 -10.35
CA GLN D 91 -36.62 2.62 -11.04
C GLN D 91 -37.81 2.83 -10.10
N ASP D 92 -37.63 2.71 -8.78
CA ASP D 92 -38.62 3.17 -7.79
C ASP D 92 -38.20 4.55 -7.19
N GLY D 93 -37.25 5.22 -7.85
CA GLY D 93 -36.57 6.39 -7.28
C GLY D 93 -35.57 5.98 -6.21
N GLN D 94 -35.72 6.47 -4.97
CA GLN D 94 -35.02 5.97 -3.75
C GLN D 94 -33.63 6.55 -3.40
N ASP D 95 -32.54 5.98 -3.93
CA ASP D 95 -31.11 6.40 -3.75
C ASP D 95 -30.31 5.18 -3.38
N ARG D 96 -29.48 4.69 -4.30
CA ARG D 96 -28.61 3.55 -4.04
C ARG D 96 -27.14 3.99 -4.16
N TYR D 97 -26.25 3.23 -3.56
CA TYR D 97 -24.84 3.56 -3.59
C TYR D 97 -24.06 2.32 -3.95
N THR D 98 -23.01 2.51 -4.72
CA THR D 98 -22.07 1.42 -5.02
C THR D 98 -20.64 1.94 -4.88
N THR D 99 -19.86 1.26 -4.05
CA THR D 99 -18.44 1.58 -3.87
C THR D 99 -17.61 0.72 -4.81
N GLU D 100 -16.81 1.39 -5.65
CA GLU D 100 -15.95 0.72 -6.61
C GLU D 100 -14.48 1.11 -6.43
N ILE D 101 -13.60 0.27 -6.97
CA ILE D 101 -12.18 0.51 -7.01
C ILE D 101 -11.85 1.03 -8.38
N VAL D 102 -11.50 2.29 -8.42
CA VAL D 102 -11.25 2.93 -9.69
C VAL D 102 -9.78 2.78 -10.00
N VAL D 103 -9.46 2.15 -11.12
CA VAL D 103 -8.08 2.07 -11.55
C VAL D 103 -7.90 2.81 -12.86
N ASP D 104 -7.17 3.92 -12.76
CA ASP D 104 -6.98 4.85 -13.87
C ASP D 104 -5.49 5.21 -13.92
N ILE D 105 -5.16 6.35 -14.52
CA ILE D 105 -3.77 6.81 -14.70
C ILE D 105 -3.02 6.86 -13.36
N ASN D 106 -3.73 7.08 -12.26
CA ASN D 106 -3.13 7.16 -10.93
C ASN D 106 -2.98 5.81 -10.25
N GLY D 107 -3.41 4.76 -10.92
CA GLY D 107 -3.32 3.44 -10.36
C GLY D 107 -2.45 2.55 -11.21
N ASN D 108 -2.65 1.23 -11.11
CA ASN D 108 -1.85 0.26 -11.80
C ASN D 108 -2.54 -1.10 -11.82
N MET D 109 -2.14 -1.95 -12.77
CA MET D 109 -2.70 -3.29 -12.92
C MET D 109 -1.61 -4.19 -13.47
N GLN D 110 -1.60 -5.45 -13.09
CA GLN D 110 -0.58 -6.38 -13.53
C GLN D 110 -1.17 -7.76 -13.69
N LEU D 111 -1.14 -8.30 -14.89
CA LEU D 111 -1.60 -9.65 -15.11
C LEU D 111 -0.60 -10.58 -14.45
N LEU D 112 -1.10 -11.55 -13.67
CA LEU D 112 -0.24 -12.45 -12.90
C LEU D 112 -0.32 -13.92 -13.33
C1 MYC E . 0.08 -4.53 11.00
C2 MYC E . -0.04 -5.21 9.80
C3 MYC E . 0.03 -6.68 9.83
C4 MYC E . 0.22 -7.35 11.13
C5 MYC E . 0.33 -6.58 12.26
C6 MYC E . 0.27 -5.20 12.20
C9 MYC E . -0.09 -7.48 8.60
C10 MYC E . -0.01 -8.94 8.75
C11 MYC E . 0.20 -9.52 10.11
C14 MYC E . 0.28 -10.98 10.31
C15 MYC E . -0.42 -11.50 11.40
C16 MYC E . -0.43 -12.85 11.69
C17 MYC E . 0.32 -13.74 10.79
C18 MYC E . 1.05 -13.14 9.64
C19 MYC E . 0.99 -11.77 9.45
O12 MYC E . 0.29 -8.72 11.23
O13 MYC E . -0.25 -6.92 7.50
O23 MYC E . 1.77 -13.89 8.78
O24 MYC E . 0.33 -15.07 11.08
O25 MYC E . -1.11 -13.34 12.75
O27 MYC E . -0.11 -9.75 7.68
O29 MYC E . 0.39 -4.56 13.38
O30 MYC E . -0.21 -4.59 8.61
C1 MYC F . -1.53 11.05 -7.58
C2 MYC F . -1.15 9.84 -7.04
C3 MYC F . -0.57 8.79 -7.92
C4 MYC F . -0.42 9.07 -9.36
C5 MYC F . -0.84 10.32 -9.80
C6 MYC F . -1.37 11.28 -8.94
C9 MYC F . -0.15 7.48 -7.42
C10 MYC F . 0.40 6.52 -8.40
C11 MYC F . 0.52 6.89 -9.83
C14 MYC F . 1.05 5.93 -10.85
C15 MYC F . 0.95 6.23 -12.21
C16 MYC F . 1.42 5.38 -13.21
C17 MYC F . 2.07 4.08 -12.80
C18 MYC F . 2.15 3.80 -11.35
C19 MYC F . 1.64 4.73 -10.45
O12 MYC F . 0.10 8.14 -10.22
O13 MYC F . -0.26 7.21 -6.23
O23 MYC F . 2.73 2.67 -10.88
O24 MYC F . 2.56 3.19 -13.70
O25 MYC F . 1.30 5.71 -14.53
O27 MYC F . 0.78 5.31 -7.97
O29 MYC F . -1.75 12.48 -9.44
O30 MYC F . -1.31 9.62 -5.73
#